data_2YN8
#
_entry.id   2YN8
#
_cell.length_a   51.635
_cell.length_b   89.527
_cell.length_c   81.087
_cell.angle_alpha   90.00
_cell.angle_beta   103.21
_cell.angle_gamma   90.00
#
_symmetry.space_group_name_H-M   'P 1 21 1'
#
loop_
_entity.id
_entity.type
_entity.pdbx_description
1 polymer 'EPHRIN TYPE-B RECEPTOR 4'
2 non-polymer STAUROSPORINE
3 water water
#
_entity_poly.entity_id   1
_entity_poly.type   'polypeptide(L)'
_entity_poly.pdbx_seq_one_letter_code
;GSSDPNEAVREFAKEIDVSYVKIEEVIGAGEFGEVCRGRLKAPGKKESCVAIKTLKGGYTERQRREFLSEASIMGQFEHP
NIIRLEGVVTNSMPVMILTEFMENGALDSFLRLNDGQFTVIQLVGMLRGIASGMRYLAEMSYVHRDLAARNILVNSNLVC
KVSDFGLSRFLEENSSDPTETSSLGGKIPIRWTAPEAIAFRKFTSASDVWSYGIVMWEVMSFGERPYWDMSNQDVINAIE
QDYRLPPPPDCPTSLHQLMLDCWQKDRNARPRFPQIVSALDKMIRNPASLKIVARENG
;
_entity_poly.pdbx_strand_id   A,B
#
loop_
_chem_comp.id
_chem_comp.type
_chem_comp.name
_chem_comp.formula
STU non-polymer STAUROSPORINE 'C28 H26 N4 O3'
#
# COMPACT_ATOMS: atom_id res chain seq x y z
N LYS A 14 -10.54 -34.22 11.59
CA LYS A 14 -11.22 -35.47 11.24
C LYS A 14 -10.30 -36.63 11.66
N GLU A 15 -10.85 -37.58 12.43
CA GLU A 15 -10.07 -38.72 12.91
C GLU A 15 -9.93 -39.76 11.81
N ILE A 16 -8.69 -40.13 11.50
CA ILE A 16 -8.37 -41.12 10.48
C ILE A 16 -7.95 -42.42 11.16
N ASP A 17 -8.63 -43.53 10.79
CA ASP A 17 -8.32 -44.85 11.31
C ASP A 17 -6.94 -45.27 10.79
N VAL A 18 -6.03 -45.68 11.70
CA VAL A 18 -4.63 -46.06 11.41
C VAL A 18 -4.50 -47.19 10.37
N SER A 19 -5.54 -48.05 10.24
CA SER A 19 -5.57 -49.14 9.27
C SER A 19 -5.58 -48.59 7.83
N TYR A 20 -5.98 -47.30 7.64
CA TYR A 20 -6.01 -46.63 6.33
C TYR A 20 -4.66 -45.98 6.02
N VAL A 21 -3.75 -45.93 7.01
CA VAL A 21 -2.45 -45.27 6.93
C VAL A 21 -1.26 -46.23 6.79
N LYS A 22 -0.35 -45.91 5.85
CA LYS A 22 0.93 -46.59 5.71
C LYS A 22 1.99 -45.48 5.79
N ILE A 23 3.09 -45.73 6.49
CA ILE A 23 4.23 -44.81 6.66
C ILE A 23 5.38 -45.23 5.73
N GLU A 24 5.96 -44.25 5.04
CA GLU A 24 7.13 -44.44 4.18
C GLU A 24 8.29 -43.56 4.69
N GLU A 25 9.25 -43.31 3.82
CA GLU A 25 10.51 -42.59 3.98
C GLU A 25 10.42 -41.21 4.68
N VAL A 26 11.39 -40.91 5.55
CA VAL A 26 11.50 -39.63 6.25
C VAL A 26 11.85 -38.56 5.20
N ILE A 27 11.03 -37.51 5.09
CA ILE A 27 11.24 -36.45 4.10
C ILE A 27 11.75 -35.14 4.73
N GLY A 28 11.57 -35.00 6.04
CA GLY A 28 12.03 -33.84 6.79
C GLY A 28 11.91 -33.98 8.29
N ALA A 29 12.34 -32.96 9.02
CA ALA A 29 12.25 -32.90 10.49
C ALA A 29 11.49 -31.65 10.95
N GLY A 30 10.67 -31.83 11.98
CA GLY A 30 9.87 -30.80 12.62
C GLY A 30 10.20 -30.70 14.09
N GLU A 31 9.60 -29.71 14.77
CA GLU A 31 9.84 -29.42 16.19
C GLU A 31 9.48 -30.56 17.14
N PHE A 32 8.47 -31.40 16.77
CA PHE A 32 7.99 -32.49 17.61
C PHE A 32 8.47 -33.88 17.17
N GLY A 33 9.07 -33.96 15.99
CA GLY A 33 9.57 -35.20 15.44
C GLY A 33 9.74 -35.16 13.93
N GLU A 34 9.58 -36.32 13.30
CA GLU A 34 9.73 -36.49 11.86
C GLU A 34 8.55 -36.11 11.01
N VAL A 35 8.87 -35.80 9.73
CA VAL A 35 7.95 -35.58 8.62
C VAL A 35 8.29 -36.71 7.64
N CYS A 36 7.26 -37.50 7.29
CA CYS A 36 7.41 -38.71 6.48
C CYS A 36 6.49 -38.70 5.30
N ARG A 37 6.89 -39.41 4.27
CA ARG A 37 6.02 -39.63 3.13
C ARG A 37 5.14 -40.80 3.59
N GLY A 38 3.90 -40.85 3.14
CA GLY A 38 3.02 -41.95 3.49
C GLY A 38 1.93 -42.23 2.49
N ARG A 39 1.02 -43.17 2.80
CA ARG A 39 -0.10 -43.47 1.91
C ARG A 39 -1.37 -43.48 2.72
N LEU A 40 -2.43 -42.93 2.11
CA LEU A 40 -3.75 -42.92 2.73
C LEU A 40 -4.75 -43.67 1.82
N LYS A 41 -5.46 -44.67 2.35
CA LYS A 41 -6.47 -45.43 1.60
C LYS A 41 -7.76 -45.57 2.42
N GLU A 47 -6.72 -44.37 -3.26
CA GLU A 47 -5.44 -44.18 -2.59
C GLU A 47 -4.73 -42.88 -3.00
N SER A 48 -4.09 -42.21 -2.04
CA SER A 48 -3.31 -40.99 -2.28
C SER A 48 -2.04 -40.98 -1.46
N CYS A 49 -1.09 -40.10 -1.84
CA CYS A 49 0.15 -39.88 -1.10
C CYS A 49 -0.17 -38.80 -0.11
N VAL A 50 0.43 -38.87 1.07
CA VAL A 50 0.27 -37.86 2.13
C VAL A 50 1.63 -37.59 2.73
N ALA A 51 1.77 -36.50 3.48
CA ALA A 51 2.94 -36.23 4.29
C ALA A 51 2.44 -36.45 5.72
N ILE A 52 3.26 -37.05 6.54
CA ILE A 52 2.86 -37.43 7.87
C ILE A 52 3.81 -36.82 8.88
N LYS A 53 3.28 -36.15 9.86
CA LYS A 53 4.05 -35.60 10.96
C LYS A 53 3.77 -36.53 12.13
N THR A 54 4.80 -37.22 12.65
CA THR A 54 4.60 -38.14 13.75
C THR A 54 5.00 -37.53 15.09
N LEU A 55 4.33 -38.00 16.15
CA LEU A 55 4.62 -37.61 17.51
C LEU A 55 4.82 -38.89 18.27
N LYS A 56 6.08 -39.13 18.64
CA LYS A 56 6.58 -40.31 19.34
C LYS A 56 7.29 -39.90 20.64
N GLY A 57 7.73 -40.90 21.40
CA GLY A 57 8.39 -40.70 22.69
C GLY A 57 7.51 -40.08 23.76
N GLY A 58 8.15 -39.52 24.78
CA GLY A 58 7.49 -38.88 25.90
C GLY A 58 6.95 -37.50 25.59
N TYR A 59 5.80 -37.16 26.19
CA TYR A 59 5.13 -35.87 26.07
C TYR A 59 3.91 -35.85 26.96
N THR A 60 3.57 -34.65 27.49
CA THR A 60 2.40 -34.45 28.33
C THR A 60 1.21 -34.17 27.41
N GLU A 61 -0.01 -34.12 27.98
CA GLU A 61 -1.24 -33.80 27.25
C GLU A 61 -1.11 -32.46 26.56
N ARG A 62 -0.61 -31.43 27.30
CA ARG A 62 -0.42 -30.06 26.81
C ARG A 62 0.50 -30.00 25.57
N GLN A 63 1.57 -30.83 25.58
CA GLN A 63 2.50 -30.95 24.46
C GLN A 63 1.78 -31.64 23.27
N ARG A 64 0.93 -32.66 23.55
CA ARG A 64 0.16 -33.40 22.52
C ARG A 64 -0.83 -32.45 21.85
N ARG A 65 -1.52 -31.64 22.68
CA ARG A 65 -2.46 -30.62 22.21
C ARG A 65 -1.77 -29.52 21.40
N GLU A 66 -0.52 -29.18 21.76
CA GLU A 66 0.33 -28.19 21.11
C GLU A 66 0.66 -28.67 19.67
N PHE A 67 1.10 -29.94 19.55
CA PHE A 67 1.42 -30.62 18.31
C PHE A 67 0.18 -30.70 17.45
N LEU A 68 -0.97 -31.06 18.05
CA LEU A 68 -2.24 -31.16 17.33
C LEU A 68 -2.91 -29.82 16.98
N SER A 69 -2.52 -28.72 17.64
CA SER A 69 -3.05 -27.36 17.35
C SER A 69 -2.76 -26.91 15.88
N GLU A 70 -1.66 -27.41 15.26
CA GLU A 70 -1.23 -27.18 13.88
C GLU A 70 -2.32 -27.68 12.91
N ALA A 71 -2.92 -28.85 13.21
CA ALA A 71 -3.99 -29.46 12.43
C ALA A 71 -5.29 -28.67 12.53
N SER A 72 -5.62 -28.12 13.72
CA SER A 72 -6.84 -27.32 13.87
C SER A 72 -6.68 -25.97 13.17
N ILE A 73 -5.46 -25.40 13.21
CA ILE A 73 -5.11 -24.15 12.54
C ILE A 73 -5.27 -24.36 11.02
N MET A 74 -4.61 -25.40 10.45
CA MET A 74 -4.68 -25.79 9.04
C MET A 74 -6.11 -26.09 8.63
N GLY A 75 -6.86 -26.68 9.56
CA GLY A 75 -8.26 -27.07 9.37
C GLY A 75 -9.17 -25.87 9.17
N GLN A 76 -8.76 -24.69 9.68
CA GLN A 76 -9.48 -23.42 9.52
C GLN A 76 -9.22 -22.82 8.13
N PHE A 77 -8.14 -23.27 7.46
CA PHE A 77 -7.78 -22.69 6.16
C PHE A 77 -8.29 -23.52 5.01
N GLU A 78 -8.78 -22.85 3.95
CA GLU A 78 -9.27 -23.48 2.72
C GLU A 78 -8.89 -22.57 1.55
N HIS A 79 -7.76 -22.85 0.92
CA HIS A 79 -7.23 -22.05 -0.17
C HIS A 79 -6.36 -22.87 -1.14
N PRO A 80 -6.42 -22.63 -2.49
CA PRO A 80 -5.56 -23.39 -3.41
C PRO A 80 -4.05 -23.33 -3.14
N ASN A 81 -3.58 -22.31 -2.40
CA ASN A 81 -2.14 -22.16 -2.12
C ASN A 81 -1.77 -22.31 -0.66
N ILE A 82 -2.60 -23.02 0.12
CA ILE A 82 -2.36 -23.30 1.53
C ILE A 82 -2.49 -24.81 1.69
N ILE A 83 -1.43 -25.48 2.17
CA ILE A 83 -1.35 -26.94 2.36
C ILE A 83 -2.62 -27.50 3.01
N ARG A 84 -3.20 -28.52 2.36
CA ARG A 84 -4.44 -29.12 2.76
C ARG A 84 -4.25 -30.17 3.85
N LEU A 85 -5.15 -30.17 4.83
CA LEU A 85 -5.16 -31.16 5.89
C LEU A 85 -6.07 -32.36 5.50
N GLU A 86 -5.60 -33.58 5.78
CA GLU A 86 -6.38 -34.79 5.57
C GLU A 86 -7.08 -35.18 6.89
N GLY A 87 -6.36 -35.00 8.00
CA GLY A 87 -6.86 -35.31 9.34
C GLY A 87 -5.76 -35.72 10.30
N VAL A 88 -6.15 -36.39 11.41
CA VAL A 88 -5.24 -36.83 12.47
C VAL A 88 -5.50 -38.25 12.90
N VAL A 89 -4.48 -38.88 13.50
CA VAL A 89 -4.53 -40.21 14.11
C VAL A 89 -4.23 -39.94 15.60
N THR A 90 -5.23 -40.17 16.47
CA THR A 90 -5.11 -39.87 17.91
C THR A 90 -5.52 -41.02 18.84
N ASN A 91 -6.24 -42.03 18.31
CA ASN A 91 -6.69 -43.20 19.07
C ASN A 91 -5.64 -44.33 19.07
N SER A 92 -4.43 -44.04 18.52
CA SER A 92 -3.32 -45.00 18.49
C SER A 92 -1.95 -44.29 18.47
N MET A 93 -0.88 -45.05 18.73
CA MET A 93 0.49 -44.58 18.75
C MET A 93 1.23 -45.13 17.52
N PRO A 94 1.95 -44.28 16.74
CA PRO A 94 2.19 -42.84 16.95
C PRO A 94 1.00 -41.94 16.67
N VAL A 95 1.00 -40.74 17.30
CA VAL A 95 0.02 -39.68 17.04
C VAL A 95 0.50 -39.00 15.73
N MET A 96 -0.41 -38.79 14.79
CA MET A 96 -0.04 -38.28 13.48
C MET A 96 -0.96 -37.18 12.99
N ILE A 97 -0.40 -36.28 12.16
CA ILE A 97 -1.10 -35.24 11.43
C ILE A 97 -0.80 -35.63 9.97
N LEU A 98 -1.85 -35.81 9.15
CA LEU A 98 -1.72 -36.14 7.74
C LEU A 98 -2.12 -34.95 6.92
N THR A 99 -1.25 -34.58 5.99
CA THR A 99 -1.50 -33.46 5.09
C THR A 99 -1.34 -34.01 3.67
N GLU A 100 -1.79 -33.27 2.66
CA GLU A 100 -1.55 -33.69 1.28
C GLU A 100 -0.01 -33.74 1.02
N PHE A 101 0.41 -34.66 0.15
CA PHE A 101 1.82 -34.80 -0.20
C PHE A 101 2.11 -33.91 -1.40
N MET A 102 3.24 -33.20 -1.35
CA MET A 102 3.64 -32.27 -2.39
C MET A 102 4.87 -32.84 -3.02
N GLU A 103 4.67 -33.52 -4.15
CA GLU A 103 5.65 -34.29 -4.92
C GLU A 103 7.00 -33.64 -5.09
N ASN A 104 7.00 -32.32 -5.40
CA ASN A 104 8.26 -31.62 -5.68
C ASN A 104 9.00 -31.03 -4.49
N GLY A 105 8.45 -31.22 -3.28
CA GLY A 105 9.06 -30.74 -2.04
C GLY A 105 9.22 -29.24 -1.92
N ALA A 106 10.30 -28.82 -1.24
CA ALA A 106 10.59 -27.40 -0.99
C ALA A 106 11.00 -26.67 -2.26
N LEU A 107 10.46 -25.47 -2.45
CA LEU A 107 10.67 -24.62 -3.62
C LEU A 107 12.11 -24.20 -3.86
N ASP A 108 12.87 -23.92 -2.80
CA ASP A 108 14.26 -23.48 -2.98
C ASP A 108 15.14 -24.57 -3.58
N SER A 109 15.05 -25.81 -3.05
CA SER A 109 15.80 -26.97 -3.56
C SER A 109 15.27 -27.47 -4.91
N PHE A 110 13.96 -27.35 -5.16
CA PHE A 110 13.30 -27.74 -6.41
C PHE A 110 13.84 -26.88 -7.54
N LEU A 111 13.89 -25.56 -7.31
CA LEU A 111 14.43 -24.59 -8.27
C LEU A 111 15.92 -24.77 -8.51
N ARG A 112 16.73 -24.93 -7.45
CA ARG A 112 18.17 -25.18 -7.59
C ARG A 112 18.42 -26.42 -8.44
N LEU A 113 17.66 -27.50 -8.22
CA LEU A 113 17.81 -28.72 -9.04
C LEU A 113 17.39 -28.48 -10.50
N ASN A 114 16.25 -27.80 -10.72
CA ASN A 114 15.66 -27.49 -12.03
C ASN A 114 16.04 -26.09 -12.51
N ASP A 115 17.35 -25.78 -12.39
CA ASP A 115 17.91 -24.48 -12.71
C ASP A 115 17.71 -24.09 -14.18
N GLY A 116 17.04 -22.95 -14.41
CA GLY A 116 16.75 -22.48 -15.76
C GLY A 116 15.67 -23.28 -16.48
N GLN A 117 14.97 -24.19 -15.77
CA GLN A 117 13.94 -25.08 -16.35
C GLN A 117 12.56 -24.49 -16.50
N PHE A 118 12.34 -23.31 -15.90
CA PHE A 118 11.05 -22.62 -15.90
C PHE A 118 11.18 -21.26 -16.52
N THR A 119 10.17 -20.85 -17.27
CA THR A 119 10.17 -19.57 -17.94
C THR A 119 9.83 -18.48 -16.94
N VAL A 120 10.09 -17.20 -17.30
CA VAL A 120 9.77 -16.04 -16.46
C VAL A 120 8.28 -16.09 -16.07
N ILE A 121 7.39 -16.33 -17.07
CA ILE A 121 5.96 -16.46 -16.85
C ILE A 121 5.58 -17.57 -15.84
N GLN A 122 6.26 -18.75 -15.89
CA GLN A 122 5.99 -19.85 -14.94
C GLN A 122 6.41 -19.45 -13.55
N LEU A 123 7.55 -18.74 -13.42
CA LEU A 123 8.06 -18.26 -12.13
C LEU A 123 7.10 -17.22 -11.51
N VAL A 124 6.59 -16.31 -12.33
CA VAL A 124 5.59 -15.30 -11.93
C VAL A 124 4.31 -16.01 -11.40
N GLY A 125 3.86 -17.06 -12.10
CA GLY A 125 2.70 -17.85 -11.71
C GLY A 125 2.87 -18.45 -10.32
N MET A 126 4.08 -18.98 -10.04
CA MET A 126 4.49 -19.51 -8.73
C MET A 126 4.42 -18.39 -7.68
N LEU A 127 5.01 -17.21 -7.97
CA LEU A 127 4.98 -16.06 -7.05
C LEU A 127 3.57 -15.56 -6.85
N ARG A 128 2.74 -15.65 -7.90
CA ARG A 128 1.34 -15.25 -7.78
C ARG A 128 0.57 -16.18 -6.85
N GLY A 129 0.80 -17.49 -6.98
CA GLY A 129 0.21 -18.49 -6.08
C GLY A 129 0.55 -18.22 -4.62
N ILE A 130 1.87 -18.09 -4.31
CA ILE A 130 2.40 -17.76 -2.98
C ILE A 130 1.76 -16.45 -2.45
N ALA A 131 1.73 -15.40 -3.27
CA ALA A 131 1.15 -14.11 -2.88
C ALA A 131 -0.36 -14.27 -2.59
N SER A 132 -1.07 -15.15 -3.35
CA SER A 132 -2.50 -15.40 -3.12
C SER A 132 -2.73 -16.15 -1.79
N GLY A 133 -1.85 -17.11 -1.50
CA GLY A 133 -1.87 -17.88 -0.26
C GLY A 133 -1.62 -16.95 0.92
N MET A 134 -0.57 -16.09 0.82
CA MET A 134 -0.27 -15.08 1.84
C MET A 134 -1.41 -14.04 2.01
N ARG A 135 -2.05 -13.60 0.90
CA ARG A 135 -3.18 -12.68 0.97
C ARG A 135 -4.32 -13.30 1.77
N TYR A 136 -4.56 -14.63 1.60
CA TYR A 136 -5.57 -15.38 2.34
C TYR A 136 -5.28 -15.40 3.84
N LEU A 137 -4.03 -15.72 4.22
CA LEU A 137 -3.54 -15.76 5.59
C LEU A 137 -3.68 -14.39 6.26
N ALA A 138 -3.25 -13.32 5.56
CA ALA A 138 -3.34 -11.95 6.08
C ALA A 138 -4.79 -11.56 6.34
N GLU A 139 -5.71 -11.94 5.41
CA GLU A 139 -7.17 -11.70 5.52
C GLU A 139 -7.75 -12.43 6.75
N MET A 140 -7.16 -13.59 7.11
CA MET A 140 -7.54 -14.40 8.28
C MET A 140 -6.83 -13.90 9.56
N SER A 141 -6.11 -12.74 9.48
CA SER A 141 -5.31 -12.12 10.56
C SER A 141 -4.20 -13.07 11.04
N TYR A 142 -3.68 -13.91 10.12
CA TYR A 142 -2.63 -14.87 10.39
C TYR A 142 -1.29 -14.37 9.87
N VAL A 143 -0.32 -14.15 10.80
CA VAL A 143 1.06 -13.72 10.51
C VAL A 143 1.89 -15.00 10.49
N HIS A 144 2.57 -15.28 9.39
CA HIS A 144 3.32 -16.53 9.26
C HIS A 144 4.63 -16.54 10.07
N ARG A 145 5.40 -15.43 10.02
CA ARG A 145 6.69 -15.22 10.72
C ARG A 145 7.87 -16.03 10.13
N ASP A 146 7.59 -17.14 9.40
CA ASP A 146 8.63 -18.00 8.84
C ASP A 146 8.49 -18.22 7.31
N LEU A 147 8.11 -17.15 6.58
CA LEU A 147 7.95 -17.20 5.13
C LEU A 147 9.30 -17.19 4.42
N ALA A 148 9.59 -18.28 3.71
CA ALA A 148 10.85 -18.51 3.00
C ALA A 148 10.54 -19.57 1.96
N ALA A 149 11.31 -19.62 0.85
CA ALA A 149 11.11 -20.61 -0.23
C ALA A 149 11.18 -22.05 0.30
N ARG A 150 12.01 -22.30 1.32
CA ARG A 150 12.11 -23.63 1.98
C ARG A 150 10.79 -24.09 2.62
N ASN A 151 9.88 -23.15 2.95
CA ASN A 151 8.58 -23.45 3.56
C ASN A 151 7.43 -23.37 2.54
N ILE A 152 7.78 -23.23 1.28
CA ILE A 152 6.83 -23.27 0.19
C ILE A 152 6.98 -24.66 -0.40
N LEU A 153 5.88 -25.37 -0.59
CA LEU A 153 5.89 -26.72 -1.11
C LEU A 153 5.34 -26.75 -2.51
N VAL A 154 5.91 -27.61 -3.37
CA VAL A 154 5.51 -27.64 -4.79
C VAL A 154 4.92 -29.01 -5.15
N ASN A 155 3.75 -29.05 -5.80
CA ASN A 155 3.16 -30.32 -6.24
C ASN A 155 3.59 -30.68 -7.68
N SER A 156 3.09 -31.80 -8.22
CA SER A 156 3.39 -32.28 -9.58
C SER A 156 3.02 -31.28 -10.70
N ASN A 157 1.94 -30.48 -10.52
CA ASN A 157 1.48 -29.44 -11.44
C ASN A 157 2.12 -28.05 -11.19
N LEU A 158 3.25 -28.00 -10.46
CA LEU A 158 4.02 -26.77 -10.16
C LEU A 158 3.31 -25.74 -9.28
N VAL A 159 2.21 -26.16 -8.59
CA VAL A 159 1.40 -25.34 -7.67
C VAL A 159 2.18 -25.16 -6.36
N CYS A 160 2.34 -23.89 -5.95
CA CYS A 160 3.08 -23.50 -4.76
C CYS A 160 2.16 -23.23 -3.60
N LYS A 161 2.43 -23.90 -2.48
CA LYS A 161 1.60 -23.79 -1.28
C LYS A 161 2.41 -23.42 -0.05
N VAL A 162 1.84 -22.53 0.77
CA VAL A 162 2.42 -22.11 2.05
C VAL A 162 2.16 -23.25 3.05
N SER A 163 3.22 -23.62 3.75
CA SER A 163 3.17 -24.67 4.73
C SER A 163 3.80 -24.20 6.06
N ASP A 164 3.76 -25.10 7.05
CA ASP A 164 4.29 -24.92 8.39
C ASP A 164 3.49 -23.94 9.23
N PHE A 165 2.42 -24.47 9.86
CA PHE A 165 1.48 -23.74 10.75
C PHE A 165 1.41 -24.34 12.15
N PRO A 189 15.52 -16.87 11.44
CA PRO A 189 15.81 -16.82 10.01
C PRO A 189 16.08 -15.38 9.61
N ILE A 190 17.20 -14.83 10.13
CA ILE A 190 17.63 -13.45 9.95
C ILE A 190 17.45 -12.88 8.54
N ARG A 191 17.93 -13.62 7.52
CA ARG A 191 17.93 -13.24 6.09
C ARG A 191 16.55 -12.96 5.51
N TRP A 192 15.50 -13.58 6.08
CA TRP A 192 14.12 -13.46 5.58
C TRP A 192 13.29 -12.53 6.45
N THR A 193 13.85 -12.09 7.60
CA THR A 193 13.08 -11.31 8.58
C THR A 193 13.21 -9.80 8.45
N ALA A 194 12.05 -9.08 8.50
CA ALA A 194 12.01 -7.60 8.43
C ALA A 194 12.84 -6.99 9.57
N PRO A 195 13.48 -5.82 9.35
CA PRO A 195 14.30 -5.21 10.41
C PRO A 195 13.60 -5.03 11.75
N GLU A 196 12.35 -4.49 11.75
CA GLU A 196 11.56 -4.24 12.97
C GLU A 196 11.20 -5.52 13.69
N ALA A 197 11.05 -6.64 12.95
CA ALA A 197 10.76 -7.97 13.51
C ALA A 197 12.05 -8.57 14.16
N ILE A 198 13.24 -8.33 13.58
CA ILE A 198 14.50 -8.74 14.21
C ILE A 198 14.74 -7.83 15.45
N ALA A 199 14.62 -6.49 15.27
CA ALA A 199 14.90 -5.52 16.34
C ALA A 199 13.91 -5.49 17.51
N PHE A 200 12.58 -5.50 17.25
CA PHE A 200 11.59 -5.39 18.32
C PHE A 200 10.54 -6.52 18.43
N ARG A 201 10.68 -7.62 17.64
CA ARG A 201 9.74 -8.75 17.58
C ARG A 201 8.32 -8.28 17.19
N LYS A 202 8.29 -7.25 16.33
CA LYS A 202 7.10 -6.62 15.77
C LYS A 202 6.79 -7.39 14.48
N PHE A 203 6.11 -8.55 14.62
CA PHE A 203 5.73 -9.43 13.53
C PHE A 203 4.33 -9.09 13.10
N THR A 204 4.18 -8.63 11.86
CA THR A 204 2.92 -8.17 11.26
C THR A 204 2.83 -8.72 9.81
N SER A 205 1.68 -8.59 9.14
CA SER A 205 1.56 -9.02 7.75
C SER A 205 2.55 -8.25 6.85
N ALA A 206 2.92 -7.00 7.26
CA ALA A 206 3.90 -6.11 6.62
C ALA A 206 5.31 -6.67 6.79
N SER A 207 5.55 -7.43 7.88
CA SER A 207 6.85 -8.06 8.08
C SER A 207 6.89 -9.36 7.27
N ASP A 208 5.71 -9.95 6.93
CA ASP A 208 5.63 -11.14 6.06
C ASP A 208 5.85 -10.74 4.60
N VAL A 209 5.47 -9.50 4.27
CA VAL A 209 5.64 -8.89 2.94
C VAL A 209 7.14 -8.77 2.67
N TRP A 210 7.93 -8.39 3.71
CA TRP A 210 9.38 -8.30 3.61
C TRP A 210 9.93 -9.66 3.24
N SER A 211 9.50 -10.70 4.01
CA SER A 211 9.84 -12.10 3.77
C SER A 211 9.46 -12.52 2.34
N TYR A 212 8.28 -12.09 1.88
CA TYR A 212 7.77 -12.37 0.55
C TYR A 212 8.71 -11.85 -0.53
N GLY A 213 9.22 -10.62 -0.36
CA GLY A 213 10.17 -10.00 -1.26
C GLY A 213 11.43 -10.82 -1.37
N ILE A 214 11.87 -11.41 -0.25
CA ILE A 214 13.04 -12.31 -0.22
C ILE A 214 12.68 -13.62 -0.99
N VAL A 215 11.42 -14.09 -0.84
CA VAL A 215 10.90 -15.28 -1.55
C VAL A 215 11.00 -15.00 -3.05
N MET A 216 10.55 -13.82 -3.49
CA MET A 216 10.64 -13.36 -4.89
C MET A 216 12.04 -13.50 -5.44
N TRP A 217 13.03 -12.96 -4.70
CA TRP A 217 14.45 -13.01 -5.08
C TRP A 217 14.94 -14.45 -5.17
N GLU A 218 14.55 -15.31 -4.20
CA GLU A 218 14.91 -16.74 -4.21
C GLU A 218 14.40 -17.46 -5.45
N VAL A 219 13.16 -17.13 -5.90
CA VAL A 219 12.51 -17.76 -7.04
C VAL A 219 13.18 -17.33 -8.37
N MET A 220 13.35 -16.03 -8.52
CA MET A 220 13.91 -15.44 -9.73
C MET A 220 15.39 -15.79 -9.89
N SER A 221 16.06 -16.20 -8.81
CA SER A 221 17.48 -16.59 -8.83
C SER A 221 17.64 -18.10 -8.84
N PHE A 222 16.52 -18.83 -8.96
CA PHE A 222 16.49 -20.29 -8.98
C PHE A 222 17.01 -20.93 -7.71
N GLY A 223 16.54 -20.44 -6.56
CA GLY A 223 16.90 -20.99 -5.27
C GLY A 223 18.28 -20.59 -4.75
N GLU A 224 18.81 -19.44 -5.16
CA GLU A 224 20.06 -18.95 -4.59
C GLU A 224 19.72 -18.49 -3.15
N ARG A 225 20.72 -18.58 -2.25
CA ARG A 225 20.64 -18.19 -0.86
C ARG A 225 20.57 -16.66 -0.78
N PRO A 226 19.57 -16.09 -0.08
CA PRO A 226 19.51 -14.62 0.03
C PRO A 226 20.80 -14.10 0.65
N TYR A 227 21.41 -13.08 0.03
CA TYR A 227 22.67 -12.45 0.49
C TYR A 227 23.87 -13.40 0.42
N TRP A 228 23.78 -14.47 -0.42
CA TRP A 228 24.86 -15.42 -0.65
C TRP A 228 25.46 -15.96 0.68
N ASP A 229 26.81 -16.05 0.78
CA ASP A 229 27.42 -16.56 2.00
C ASP A 229 27.82 -15.51 3.04
N MET A 230 27.15 -14.33 2.99
CA MET A 230 27.28 -13.27 3.98
C MET A 230 26.83 -13.86 5.32
N SER A 231 27.47 -13.48 6.42
CA SER A 231 27.05 -13.90 7.76
C SER A 231 25.79 -13.08 8.13
N ASN A 232 25.00 -13.57 9.13
CA ASN A 232 23.77 -12.87 9.59
C ASN A 232 24.07 -11.43 10.03
N GLN A 233 25.21 -11.20 10.70
CA GLN A 233 25.62 -9.85 11.07
C GLN A 233 25.92 -8.99 9.82
N ASP A 234 26.50 -9.58 8.76
CA ASP A 234 26.78 -8.91 7.47
C ASP A 234 25.46 -8.49 6.82
N VAL A 235 24.42 -9.37 6.90
CA VAL A 235 23.09 -9.09 6.34
C VAL A 235 22.50 -7.89 7.08
N ILE A 236 22.48 -7.93 8.44
CA ILE A 236 21.97 -6.84 9.29
C ILE A 236 22.72 -5.55 8.98
N ASN A 237 24.05 -5.63 8.85
CA ASN A 237 24.88 -4.48 8.51
C ASN A 237 24.53 -3.95 7.12
N ALA A 238 24.28 -4.84 6.12
CA ALA A 238 23.91 -4.44 4.76
C ALA A 238 22.58 -3.68 4.74
N ILE A 239 21.55 -4.19 5.48
CA ILE A 239 20.22 -3.55 5.57
C ILE A 239 20.31 -2.16 6.22
N GLU A 240 21.17 -2.01 7.22
CA GLU A 240 21.41 -0.75 7.92
C GLU A 240 22.08 0.30 6.98
N GLN A 241 22.82 -0.17 5.96
CA GLN A 241 23.46 0.66 4.93
C GLN A 241 22.46 0.99 3.84
N ASP A 242 21.20 0.48 3.96
CA ASP A 242 20.14 0.65 2.96
C ASP A 242 20.42 -0.14 1.68
N TYR A 243 21.28 -1.15 1.80
CA TYR A 243 21.60 -2.01 0.66
C TYR A 243 20.41 -2.94 0.51
N ARG A 244 20.08 -3.27 -0.73
CA ARG A 244 18.99 -4.18 -1.08
C ARG A 244 19.46 -5.14 -2.14
N LEU A 245 18.97 -6.39 -2.09
CA LEU A 245 19.33 -7.42 -3.07
C LEU A 245 19.13 -6.98 -4.53
N PRO A 246 20.14 -7.19 -5.38
CA PRO A 246 20.04 -6.73 -6.77
C PRO A 246 19.09 -7.60 -7.61
N PRO A 247 18.71 -7.18 -8.85
CA PRO A 247 17.89 -8.08 -9.69
C PRO A 247 18.65 -9.36 -10.04
N PRO A 248 18.08 -10.57 -9.82
CA PRO A 248 18.79 -11.79 -10.20
C PRO A 248 19.03 -11.80 -11.72
N PRO A 249 19.97 -12.60 -12.27
CA PRO A 249 20.18 -12.61 -13.72
C PRO A 249 18.85 -12.87 -14.46
N ASP A 250 18.60 -12.09 -15.53
CA ASP A 250 17.42 -12.15 -16.41
C ASP A 250 16.12 -11.77 -15.73
N CYS A 251 16.20 -11.18 -14.52
CA CYS A 251 14.98 -10.82 -13.82
C CYS A 251 14.38 -9.56 -14.40
N PRO A 252 13.07 -9.60 -14.76
CA PRO A 252 12.41 -8.36 -15.24
C PRO A 252 12.56 -7.24 -14.21
N THR A 253 12.80 -6.02 -14.69
CA THR A 253 12.97 -4.83 -13.84
C THR A 253 11.74 -4.61 -12.94
N SER A 254 10.52 -4.78 -13.50
CA SER A 254 9.26 -4.60 -12.75
C SER A 254 9.12 -5.58 -11.56
N LEU A 255 9.68 -6.81 -11.70
CA LEU A 255 9.66 -7.80 -10.62
C LEU A 255 10.65 -7.39 -9.53
N HIS A 256 11.83 -6.87 -9.94
CA HIS A 256 12.83 -6.42 -8.96
C HIS A 256 12.34 -5.17 -8.22
N GLN A 257 11.62 -4.31 -8.93
CA GLN A 257 11.03 -3.11 -8.33
C GLN A 257 10.05 -3.50 -7.23
N LEU A 258 9.21 -4.53 -7.49
CA LEU A 258 8.22 -5.07 -6.54
C LEU A 258 8.93 -5.64 -5.31
N MET A 259 10.11 -6.25 -5.48
CA MET A 259 10.95 -6.75 -4.37
C MET A 259 11.38 -5.56 -3.48
N LEU A 260 11.86 -4.49 -4.09
CA LEU A 260 12.27 -3.24 -3.42
C LEU A 260 11.12 -2.64 -2.65
N ASP A 261 9.88 -2.72 -3.21
CA ASP A 261 8.65 -2.24 -2.58
C ASP A 261 8.42 -3.01 -1.27
N CYS A 262 8.61 -4.32 -1.31
CA CYS A 262 8.52 -5.27 -0.20
C CYS A 262 9.56 -5.00 0.87
N TRP A 263 10.75 -4.50 0.47
CA TRP A 263 11.86 -4.18 1.35
C TRP A 263 11.98 -2.72 1.84
N GLN A 264 10.89 -1.97 1.88
CA GLN A 264 10.94 -0.60 2.43
C GLN A 264 11.23 -0.70 3.94
N LYS A 265 12.19 0.09 4.45
CA LYS A 265 12.54 0.13 5.87
C LYS A 265 11.28 0.45 6.72
N ASP A 266 10.44 1.39 6.24
CA ASP A 266 9.18 1.74 6.88
C ASP A 266 8.16 0.69 6.43
N ARG A 267 7.74 -0.18 7.39
CA ARG A 267 6.75 -1.27 7.17
C ARG A 267 5.45 -0.75 6.59
N ASN A 268 5.09 0.50 6.90
CA ASN A 268 3.86 1.14 6.42
C ASN A 268 3.96 1.56 4.96
N ALA A 269 5.19 1.65 4.40
CA ALA A 269 5.45 2.02 2.99
C ALA A 269 5.41 0.82 2.05
N ARG A 270 5.43 -0.39 2.63
CA ARG A 270 5.41 -1.65 1.91
C ARG A 270 4.01 -1.92 1.32
N PRO A 271 3.90 -2.59 0.15
CA PRO A 271 2.56 -2.91 -0.34
C PRO A 271 1.95 -3.97 0.57
N ARG A 272 0.63 -4.10 0.56
CA ARG A 272 -0.06 -5.11 1.35
C ARG A 272 -0.22 -6.29 0.41
N PHE A 273 -0.54 -7.49 0.91
CA PHE A 273 -0.68 -8.67 0.03
C PHE A 273 -1.68 -8.53 -1.15
N PRO A 274 -2.86 -7.88 -0.97
CA PRO A 274 -3.75 -7.68 -2.14
C PRO A 274 -3.12 -6.80 -3.23
N GLN A 275 -2.23 -5.86 -2.86
CA GLN A 275 -1.55 -4.96 -3.81
C GLN A 275 -0.50 -5.71 -4.61
N ILE A 276 0.19 -6.64 -3.94
CA ILE A 276 1.22 -7.51 -4.54
C ILE A 276 0.55 -8.42 -5.59
N VAL A 277 -0.61 -9.01 -5.24
CA VAL A 277 -1.38 -9.89 -6.15
C VAL A 277 -1.77 -9.10 -7.41
N SER A 278 -2.31 -7.86 -7.22
CA SER A 278 -2.72 -6.97 -8.30
C SER A 278 -1.55 -6.64 -9.23
N ALA A 279 -0.35 -6.34 -8.69
CA ALA A 279 0.84 -6.04 -9.49
C ALA A 279 1.24 -7.24 -10.35
N LEU A 280 1.20 -8.45 -9.78
CA LEU A 280 1.55 -9.69 -10.49
C LEU A 280 0.52 -10.00 -11.56
N ASP A 281 -0.76 -9.85 -11.23
CA ASP A 281 -1.86 -10.03 -12.21
C ASP A 281 -1.72 -9.12 -13.42
N LYS A 282 -1.24 -7.88 -13.21
CA LYS A 282 -1.03 -6.93 -14.30
C LYS A 282 0.11 -7.41 -15.20
N MET A 283 1.20 -7.91 -14.59
CA MET A 283 2.35 -8.47 -15.30
C MET A 283 1.91 -9.67 -16.14
N ILE A 284 1.01 -10.52 -15.58
CA ILE A 284 0.43 -11.70 -16.23
C ILE A 284 -0.46 -11.29 -17.42
N ARG A 285 -1.24 -10.19 -17.29
CA ARG A 285 -2.09 -9.68 -18.37
C ARG A 285 -1.27 -9.06 -19.51
N ASN A 286 -0.06 -8.57 -19.20
CA ASN A 286 0.83 -7.86 -20.11
C ASN A 286 2.23 -8.50 -20.08
N PRO A 287 2.41 -9.75 -20.59
CA PRO A 287 3.75 -10.38 -20.52
C PRO A 287 4.93 -9.65 -21.19
N ALA A 288 4.66 -8.78 -22.18
CA ALA A 288 5.69 -7.99 -22.89
C ALA A 288 6.44 -7.03 -21.96
N SER A 289 5.77 -6.61 -20.85
CA SER A 289 6.33 -5.73 -19.84
C SER A 289 7.44 -6.43 -19.02
N LEU A 290 7.43 -7.79 -19.03
CA LEU A 290 8.39 -8.65 -18.33
C LEU A 290 9.69 -8.85 -19.12
N LYS A 291 9.72 -8.37 -20.39
CA LYS A 291 10.87 -8.45 -21.29
C LYS A 291 11.90 -7.35 -20.95
N ILE A 292 11.44 -6.29 -20.25
CA ILE A 292 12.29 -5.20 -19.78
C ILE A 292 13.11 -5.72 -18.58
N VAL A 293 14.43 -5.87 -18.79
CA VAL A 293 15.41 -6.41 -17.83
C VAL A 293 16.56 -5.35 -17.74
N ALA A 294 17.32 -5.35 -16.61
CA ALA A 294 18.45 -4.42 -16.41
C ALA A 294 19.76 -5.02 -16.92
N PHE B 12 -4.79 22.95 19.96
CA PHE B 12 -3.64 23.69 20.47
C PHE B 12 -2.63 24.01 19.39
N ALA B 13 -2.17 25.26 19.41
CA ALA B 13 -1.20 25.83 18.51
C ALA B 13 -0.57 27.02 19.23
N LYS B 14 0.50 27.62 18.64
CA LYS B 14 1.15 28.82 19.19
C LYS B 14 0.04 29.88 19.37
N GLU B 15 -0.06 30.47 20.57
CA GLU B 15 -1.08 31.47 20.86
C GLU B 15 -0.66 32.81 20.28
N ILE B 16 -1.55 33.39 19.46
CA ILE B 16 -1.33 34.70 18.85
C ILE B 16 -2.19 35.74 19.54
N ASP B 17 -1.56 36.84 19.99
CA ASP B 17 -2.26 37.95 20.62
C ASP B 17 -3.12 38.66 19.57
N VAL B 18 -4.42 38.85 19.87
CA VAL B 18 -5.43 39.46 18.98
C VAL B 18 -5.06 40.87 18.48
N SER B 19 -4.24 41.61 19.25
CA SER B 19 -3.76 42.94 18.89
C SER B 19 -2.87 42.87 17.63
N TYR B 20 -2.30 41.68 17.31
CA TYR B 20 -1.45 41.47 16.13
C TYR B 20 -2.28 41.09 14.90
N VAL B 21 -3.58 40.83 15.11
CA VAL B 21 -4.52 40.36 14.08
C VAL B 21 -5.51 41.41 13.59
N LYS B 22 -5.69 41.50 12.27
CA LYS B 22 -6.70 42.35 11.63
C LYS B 22 -7.49 41.44 10.69
N ILE B 23 -8.84 41.58 10.65
CA ILE B 23 -9.69 40.75 9.76
C ILE B 23 -10.14 41.55 8.54
N GLU B 24 -10.06 40.92 7.36
CA GLU B 24 -10.52 41.48 6.10
C GLU B 24 -11.75 40.69 5.60
N GLU B 25 -12.07 40.81 4.32
CA GLU B 25 -13.25 40.18 3.74
C GLU B 25 -13.31 38.65 3.80
N VAL B 26 -14.54 38.14 3.76
CA VAL B 26 -14.87 36.72 3.78
C VAL B 26 -14.45 36.17 2.43
N ILE B 27 -13.59 35.11 2.46
CA ILE B 27 -13.10 34.44 1.24
C ILE B 27 -13.74 33.04 1.02
N GLY B 28 -14.33 32.46 2.05
CA GLY B 28 -14.96 31.14 1.99
C GLY B 28 -15.74 30.76 3.23
N ALA B 29 -16.37 29.59 3.21
CA ALA B 29 -17.13 29.07 4.34
C ALA B 29 -16.64 27.66 4.74
N GLY B 30 -16.60 27.43 6.05
CA GLY B 30 -16.24 26.18 6.69
C GLY B 30 -17.36 25.67 7.56
N GLU B 31 -17.22 24.45 8.12
CA GLU B 31 -18.24 23.81 8.96
C GLU B 31 -18.59 24.56 10.24
N PHE B 32 -17.64 25.32 10.81
CA PHE B 32 -17.84 26.05 12.06
C PHE B 32 -18.09 27.55 11.89
N GLY B 33 -17.90 28.05 10.67
CA GLY B 33 -18.10 29.45 10.35
C GLY B 33 -17.36 29.88 9.10
N GLU B 34 -16.98 31.15 9.08
CA GLU B 34 -16.32 31.78 7.96
C GLU B 34 -14.83 31.60 7.87
N VAL B 35 -14.32 31.74 6.65
CA VAL B 35 -12.91 31.82 6.28
C VAL B 35 -12.77 33.23 5.70
N CYS B 36 -11.89 34.03 6.33
CA CYS B 36 -11.62 35.43 5.98
C CYS B 36 -10.15 35.61 5.63
N ARG B 37 -9.84 36.60 4.79
CA ARG B 37 -8.48 37.02 4.53
C ARG B 37 -8.14 37.90 5.77
N GLY B 38 -6.86 37.98 6.11
CA GLY B 38 -6.43 38.81 7.24
C GLY B 38 -4.99 39.26 7.19
N ARG B 39 -4.59 40.01 8.19
CA ARG B 39 -3.24 40.58 8.32
C ARG B 39 -2.66 40.27 9.69
N LEU B 40 -1.47 39.66 9.73
CA LEU B 40 -0.74 39.33 10.96
C LEU B 40 0.50 40.21 11.08
N LYS B 41 0.65 40.92 12.20
CA LYS B 41 1.82 41.78 12.47
C LYS B 41 2.32 41.55 13.90
N ALA B 42 3.21 40.55 14.07
CA ALA B 42 3.82 40.13 15.35
C ALA B 42 4.98 41.09 15.70
N PRO B 43 5.44 41.23 16.98
CA PRO B 43 6.49 42.23 17.26
C PRO B 43 7.85 41.98 16.62
N GLY B 44 8.20 40.71 16.43
CA GLY B 44 9.46 40.29 15.84
C GLY B 44 9.50 40.43 14.33
N LYS B 45 8.56 39.75 13.65
CA LYS B 45 8.48 39.69 12.19
C LYS B 45 7.88 40.93 11.51
N LYS B 46 7.81 40.87 10.16
CA LYS B 46 7.21 41.87 9.27
C LYS B 46 5.78 41.38 8.95
N GLU B 47 4.88 42.32 8.55
CA GLU B 47 3.48 42.04 8.26
C GLU B 47 3.28 41.03 7.13
N SER B 48 2.31 40.12 7.31
CA SER B 48 1.96 39.11 6.32
C SER B 48 0.47 38.94 6.19
N CYS B 49 0.02 38.41 5.05
CA CYS B 49 -1.36 38.06 4.78
C CYS B 49 -1.55 36.66 5.34
N VAL B 50 -2.70 36.43 5.95
CA VAL B 50 -3.07 35.14 6.52
C VAL B 50 -4.53 34.82 6.10
N ALA B 51 -4.96 33.58 6.29
CA ALA B 51 -6.38 33.24 6.13
C ALA B 51 -6.81 33.03 7.57
N ILE B 52 -8.06 33.38 7.88
CA ILE B 52 -8.55 33.27 9.23
C ILE B 52 -9.83 32.49 9.23
N LYS B 53 -9.89 31.48 10.07
CA LYS B 53 -11.11 30.70 10.28
C LYS B 53 -11.65 31.18 11.63
N THR B 54 -12.85 31.75 11.64
CA THR B 54 -13.44 32.27 12.88
C THR B 54 -14.47 31.31 13.47
N LEU B 55 -14.58 31.34 14.80
CA LEU B 55 -15.55 30.58 15.54
C LEU B 55 -16.28 31.55 16.40
N LYS B 56 -17.56 31.79 16.04
CA LYS B 56 -18.47 32.73 16.68
C LYS B 56 -19.73 32.01 17.14
N GLY B 57 -20.65 32.75 17.76
CA GLY B 57 -21.91 32.21 18.27
C GLY B 57 -21.76 31.18 19.38
N GLY B 58 -22.80 30.37 19.55
CA GLY B 58 -22.85 29.32 20.56
C GLY B 58 -22.06 28.09 20.21
N TYR B 59 -21.43 27.49 21.26
CA TYR B 59 -20.67 26.25 21.15
C TYR B 59 -20.19 25.82 22.51
N THR B 60 -20.11 24.49 22.72
CA THR B 60 -19.63 23.90 23.97
C THR B 60 -18.11 23.80 23.88
N GLU B 61 -17.43 23.47 24.99
CA GLU B 61 -15.98 23.28 25.06
C GLU B 61 -15.55 22.14 24.12
N ARG B 62 -16.38 21.10 23.99
CA ARG B 62 -16.09 19.98 23.09
C ARG B 62 -16.11 20.38 21.63
N GLN B 63 -17.03 21.30 21.25
CA GLN B 63 -17.15 21.84 19.90
C GLN B 63 -15.96 22.78 19.62
N ARG B 64 -15.58 23.60 20.63
CA ARG B 64 -14.44 24.52 20.57
C ARG B 64 -13.16 23.72 20.28
N ARG B 65 -12.92 22.62 21.07
CA ARG B 65 -11.79 21.70 20.92
C ARG B 65 -11.76 21.01 19.54
N GLU B 66 -12.95 20.66 18.99
CA GLU B 66 -12.97 20.05 17.67
C GLU B 66 -12.58 21.03 16.56
N PHE B 67 -13.08 22.30 16.66
CA PHE B 67 -12.73 23.38 15.75
C PHE B 67 -11.21 23.63 15.84
N LEU B 68 -10.66 23.63 17.06
CA LEU B 68 -9.24 23.83 17.30
C LEU B 68 -8.36 22.60 16.98
N SER B 69 -8.97 21.40 16.84
CA SER B 69 -8.22 20.17 16.48
C SER B 69 -7.54 20.28 15.11
N GLU B 70 -8.18 21.02 14.17
CA GLU B 70 -7.70 21.30 12.82
C GLU B 70 -6.30 21.94 12.88
N ALA B 71 -6.09 22.88 13.83
CA ALA B 71 -4.82 23.56 14.05
C ALA B 71 -3.75 22.64 14.63
N SER B 72 -4.13 21.71 15.54
CA SER B 72 -3.16 20.76 16.10
C SER B 72 -2.77 19.73 15.06
N ILE B 73 -3.75 19.33 14.19
CA ILE B 73 -3.52 18.39 13.09
C ILE B 73 -2.52 19.03 12.12
N MET B 74 -2.82 20.27 11.63
CA MET B 74 -1.97 21.06 10.72
C MET B 74 -0.60 21.31 11.33
N GLY B 75 -0.58 21.50 12.66
CA GLY B 75 0.62 21.73 13.44
C GLY B 75 1.57 20.56 13.43
N GLN B 76 1.03 19.34 13.22
CA GLN B 76 1.83 18.10 13.11
C GLN B 76 2.48 17.98 11.73
N PHE B 77 1.96 18.72 10.74
CA PHE B 77 2.46 18.60 9.37
C PHE B 77 3.49 19.68 9.05
N GLU B 78 4.55 19.29 8.34
CA GLU B 78 5.62 20.19 7.89
C GLU B 78 6.04 19.74 6.51
N HIS B 79 5.46 20.36 5.48
CA HIS B 79 5.72 19.99 4.09
C HIS B 79 5.50 21.17 3.12
N PRO B 80 6.35 21.35 2.07
CA PRO B 80 6.13 22.48 1.14
C PRO B 80 4.75 22.51 0.44
N ASN B 81 4.04 21.38 0.39
CA ASN B 81 2.73 21.33 -0.28
C ASN B 81 1.56 21.04 0.65
N ILE B 82 1.72 21.39 1.94
CA ILE B 82 0.68 21.24 2.97
C ILE B 82 0.57 22.59 3.62
N ILE B 83 -0.63 23.17 3.55
CA ILE B 83 -0.90 24.51 4.10
C ILE B 83 -0.31 24.73 5.51
N ARG B 84 0.40 25.84 5.70
CA ARG B 84 1.11 26.17 6.92
C ARG B 84 0.24 26.86 7.97
N LEU B 85 0.40 26.45 9.22
CA LEU B 85 -0.28 27.06 10.36
C LEU B 85 0.55 28.22 10.93
N GLU B 86 -0.12 29.35 11.25
CA GLU B 86 0.52 30.47 11.93
C GLU B 86 0.29 30.33 13.46
N GLY B 87 -0.91 29.92 13.83
CA GLY B 87 -1.30 29.75 15.22
C GLY B 87 -2.78 29.96 15.45
N VAL B 88 -3.18 30.19 16.71
CA VAL B 88 -4.57 30.37 17.13
C VAL B 88 -4.73 31.55 18.06
N VAL B 89 -5.98 32.04 18.14
CA VAL B 89 -6.43 33.11 19.06
C VAL B 89 -7.50 32.40 19.92
N THR B 90 -7.21 32.20 21.23
CA THR B 90 -8.11 31.46 22.13
C THR B 90 -8.44 32.18 23.43
N ASN B 91 -7.65 33.22 23.80
CA ASN B 91 -7.88 33.99 25.04
C ASN B 91 -8.86 35.17 24.80
N SER B 92 -9.46 35.24 23.59
CA SER B 92 -10.42 36.29 23.22
C SER B 92 -11.44 35.80 22.18
N MET B 93 -12.51 36.57 21.99
CA MET B 93 -13.61 36.29 21.07
C MET B 93 -13.52 37.28 19.90
N PRO B 94 -13.61 36.80 18.63
CA PRO B 94 -13.80 35.40 18.19
C PRO B 94 -12.57 34.52 18.35
N VAL B 95 -12.80 33.20 18.44
CA VAL B 95 -11.75 32.17 18.48
C VAL B 95 -11.33 32.01 17.00
N MET B 96 -10.02 32.02 16.74
CA MET B 96 -9.51 32.00 15.37
C MET B 96 -8.38 31.03 15.18
N ILE B 97 -8.27 30.49 13.96
CA ILE B 97 -7.18 29.68 13.47
C ILE B 97 -6.61 30.52 12.33
N LEU B 98 -5.31 30.85 12.39
CA LEU B 98 -4.63 31.60 11.34
C LEU B 98 -3.72 30.66 10.55
N THR B 99 -3.86 30.69 9.24
CA THR B 99 -3.02 29.88 8.37
C THR B 99 -2.38 30.85 7.38
N GLU B 100 -1.37 30.43 6.65
CA GLU B 100 -0.80 31.27 5.60
C GLU B 100 -1.90 31.58 4.55
N PHE B 101 -1.80 32.77 3.94
CA PHE B 101 -2.72 33.21 2.90
C PHE B 101 -2.20 32.75 1.56
N MET B 102 -3.09 32.20 0.71
CA MET B 102 -2.72 31.69 -0.59
C MET B 102 -3.38 32.57 -1.61
N GLU B 103 -2.63 33.55 -2.11
CA GLU B 103 -3.03 34.62 -3.03
C GLU B 103 -3.97 34.21 -4.15
N ASN B 104 -3.67 33.07 -4.81
CA ASN B 104 -4.44 32.63 -5.95
C ASN B 104 -5.68 31.79 -5.66
N GLY B 105 -5.94 31.51 -4.38
CA GLY B 105 -7.11 30.76 -3.95
C GLY B 105 -7.19 29.34 -4.43
N ALA B 106 -8.42 28.85 -4.68
CA ALA B 106 -8.68 27.47 -5.11
C ALA B 106 -8.19 27.23 -6.53
N LEU B 107 -7.52 26.08 -6.75
CA LEU B 107 -6.94 25.66 -8.02
C LEU B 107 -7.93 25.51 -9.16
N ASP B 108 -9.16 25.02 -8.88
CA ASP B 108 -10.14 24.83 -9.96
C ASP B 108 -10.58 26.15 -10.57
N SER B 109 -10.93 27.15 -9.72
CA SER B 109 -11.35 28.47 -10.16
C SER B 109 -10.18 29.30 -10.73
N PHE B 110 -8.95 29.10 -10.21
CA PHE B 110 -7.74 29.79 -10.64
C PHE B 110 -7.44 29.38 -12.07
N LEU B 111 -7.50 28.08 -12.36
CA LEU B 111 -7.28 27.53 -13.68
C LEU B 111 -8.37 27.96 -14.67
N ARG B 112 -9.66 27.87 -14.29
CA ARG B 112 -10.77 28.32 -15.15
C ARG B 112 -10.60 29.75 -15.55
N LEU B 113 -10.22 30.63 -14.60
CA LEU B 113 -9.98 32.04 -14.91
C LEU B 113 -8.77 32.23 -15.85
N ASN B 114 -7.65 31.52 -15.57
CA ASN B 114 -6.37 31.59 -16.30
C ASN B 114 -6.26 30.46 -17.34
N ASP B 115 -7.35 30.25 -18.08
CA ASP B 115 -7.49 29.21 -19.08
C ASP B 115 -6.43 29.33 -20.19
N GLY B 116 -5.67 28.25 -20.39
CA GLY B 116 -4.60 28.19 -21.36
C GLY B 116 -3.38 29.04 -21.01
N GLN B 117 -3.32 29.59 -19.77
CA GLN B 117 -2.22 30.49 -19.34
C GLN B 117 -0.95 29.81 -18.84
N PHE B 118 -1.02 28.49 -18.66
CA PHE B 118 0.08 27.67 -18.13
C PHE B 118 0.42 26.57 -19.09
N THR B 119 1.71 26.28 -19.19
CA THR B 119 2.21 25.26 -20.11
C THR B 119 1.99 23.88 -19.49
N VAL B 120 2.11 22.81 -20.32
CA VAL B 120 1.99 21.42 -19.87
C VAL B 120 2.96 21.17 -18.71
N ILE B 121 4.24 21.60 -18.88
CA ILE B 121 5.25 21.48 -17.83
C ILE B 121 4.88 22.17 -16.50
N GLN B 122 4.25 23.38 -16.55
CA GLN B 122 3.81 24.09 -15.34
C GLN B 122 2.70 23.34 -14.66
N LEU B 123 1.78 22.76 -15.45
CA LEU B 123 0.65 22.00 -14.92
C LEU B 123 1.14 20.70 -14.26
N VAL B 124 2.14 20.03 -14.84
CA VAL B 124 2.78 18.82 -14.30
C VAL B 124 3.43 19.18 -12.94
N GLY B 125 4.12 20.33 -12.87
CA GLY B 125 4.76 20.81 -11.64
C GLY B 125 3.75 20.97 -10.52
N MET B 126 2.56 21.52 -10.86
CA MET B 126 1.43 21.67 -9.92
C MET B 126 0.95 20.30 -9.46
N LEU B 127 0.76 19.34 -10.39
CA LEU B 127 0.36 17.96 -10.05
C LEU B 127 1.43 17.25 -9.24
N ARG B 128 2.69 17.56 -9.53
CA ARG B 128 3.81 17.00 -8.75
C ARG B 128 3.80 17.49 -7.31
N GLY B 129 3.56 18.80 -7.12
CA GLY B 129 3.44 19.40 -5.79
C GLY B 129 2.34 18.72 -4.97
N ILE B 130 1.12 18.66 -5.54
CA ILE B 130 -0.06 17.99 -4.95
C ILE B 130 0.26 16.52 -4.60
N ALA B 131 0.85 15.77 -5.54
CA ALA B 131 1.21 14.37 -5.32
C ALA B 131 2.23 14.24 -4.17
N SER B 132 3.18 15.23 -4.05
CA SER B 132 4.18 15.23 -2.98
C SER B 132 3.54 15.49 -1.62
N GLY B 133 2.57 16.42 -1.59
CA GLY B 133 1.77 16.74 -0.41
C GLY B 133 0.98 15.53 0.03
N MET B 134 0.26 14.89 -0.93
CA MET B 134 -0.48 13.66 -0.65
C MET B 134 0.43 12.48 -0.18
N ARG B 135 1.62 12.34 -0.79
CA ARG B 135 2.60 11.30 -0.37
C ARG B 135 3.00 11.49 1.08
N TYR B 136 3.18 12.77 1.50
CA TYR B 136 3.50 13.14 2.88
C TYR B 136 2.37 12.74 3.86
N LEU B 137 1.11 13.09 3.53
CA LEU B 137 -0.09 12.77 4.29
C LEU B 137 -0.26 11.28 4.44
N ALA B 138 -0.09 10.51 3.33
CA ALA B 138 -0.22 9.05 3.35
C ALA B 138 0.83 8.43 4.28
N GLU B 139 2.09 8.96 4.23
CA GLU B 139 3.21 8.52 5.08
C GLU B 139 2.89 8.79 6.59
N MET B 140 2.12 9.86 6.86
CA MET B 140 1.68 10.23 8.20
C MET B 140 0.40 9.47 8.60
N SER B 141 -0.04 8.47 7.78
CA SER B 141 -1.26 7.65 7.95
C SER B 141 -2.52 8.53 7.95
N TYR B 142 -2.48 9.63 7.19
CA TYR B 142 -3.58 10.58 7.08
C TYR B 142 -4.31 10.40 5.75
N VAL B 143 -5.61 10.05 5.82
CA VAL B 143 -6.53 9.88 4.69
C VAL B 143 -7.31 11.18 4.62
N HIS B 144 -7.25 11.88 3.47
CA HIS B 144 -7.86 13.20 3.33
C HIS B 144 -9.38 13.13 3.19
N ARG B 145 -9.86 12.25 2.29
CA ARG B 145 -11.28 11.93 1.99
C ARG B 145 -11.96 12.99 1.18
N ASP B 146 -11.43 14.25 1.17
CA ASP B 146 -12.02 15.35 0.41
C ASP B 146 -11.02 16.00 -0.58
N LEU B 147 -10.20 15.16 -1.26
CA LEU B 147 -9.22 15.66 -2.24
C LEU B 147 -9.89 16.04 -3.55
N ALA B 148 -9.81 17.30 -3.89
CA ALA B 148 -10.43 17.88 -5.09
C ALA B 148 -9.66 19.17 -5.36
N ALA B 149 -9.64 19.66 -6.62
CA ALA B 149 -8.94 20.90 -6.99
C ALA B 149 -9.42 22.10 -6.18
N ARG B 150 -10.72 22.13 -5.80
CA ARG B 150 -11.29 23.19 -4.94
C ARG B 150 -10.65 23.26 -3.54
N ASN B 151 -10.02 22.16 -3.07
CA ASN B 151 -9.35 22.09 -1.78
C ASN B 151 -7.83 22.18 -1.91
N ILE B 152 -7.35 22.48 -3.12
CA ILE B 152 -5.95 22.75 -3.37
C ILE B 152 -5.87 24.27 -3.46
N LEU B 153 -4.92 24.86 -2.74
CA LEU B 153 -4.75 26.31 -2.70
C LEU B 153 -3.49 26.70 -3.41
N VAL B 154 -3.52 27.86 -4.12
CA VAL B 154 -2.38 28.27 -4.95
C VAL B 154 -1.82 29.61 -4.44
N ASN B 155 -0.51 29.72 -4.24
CA ASN B 155 0.11 30.99 -3.82
C ASN B 155 0.58 31.80 -5.04
N SER B 156 1.19 32.99 -4.81
CA SER B 156 1.70 33.89 -5.84
C SER B 156 2.73 33.23 -6.80
N ASN B 157 3.56 32.29 -6.28
CA ASN B 157 4.58 31.55 -7.05
C ASN B 157 4.05 30.25 -7.68
N LEU B 158 2.70 30.09 -7.79
CA LEU B 158 2.02 28.93 -8.40
C LEU B 158 2.18 27.59 -7.66
N VAL B 159 2.61 27.65 -6.37
CA VAL B 159 2.81 26.50 -5.48
C VAL B 159 1.45 26.01 -5.00
N CYS B 160 1.20 24.70 -5.19
CA CYS B 160 -0.05 24.04 -4.85
C CYS B 160 0.04 23.33 -3.54
N LYS B 161 -0.89 23.65 -2.63
CA LYS B 161 -0.92 23.06 -1.29
C LYS B 161 -2.25 22.44 -0.95
N VAL B 162 -2.20 21.27 -0.28
CA VAL B 162 -3.37 20.54 0.22
C VAL B 162 -3.85 21.26 1.47
N SER B 163 -5.15 21.51 1.52
CA SER B 163 -5.75 22.22 2.62
C SER B 163 -6.99 21.46 3.11
N ASP B 164 -7.61 22.01 4.16
CA ASP B 164 -8.81 21.50 4.82
C ASP B 164 -8.56 20.20 5.61
N PHE B 165 -8.11 20.37 6.86
CA PHE B 165 -7.80 19.32 7.84
C PHE B 165 -8.67 19.48 9.11
N PRO B 189 -18.95 14.36 -1.95
CA PRO B 189 -18.34 14.80 -3.22
C PRO B 189 -18.22 13.62 -4.15
N ILE B 190 -19.39 13.10 -4.59
CA ILE B 190 -19.52 11.90 -5.42
C ILE B 190 -18.51 11.78 -6.56
N ARG B 191 -18.35 12.85 -7.37
CA ARG B 191 -17.48 12.92 -8.55
C ARG B 191 -16.02 12.66 -8.29
N TRP B 192 -15.55 12.93 -7.07
CA TRP B 192 -14.13 12.78 -6.70
C TRP B 192 -13.89 11.53 -5.88
N THR B 193 -14.97 10.84 -5.45
CA THR B 193 -14.88 9.71 -4.52
C THR B 193 -14.78 8.34 -5.18
N ALA B 194 -13.84 7.51 -4.70
CA ALA B 194 -13.64 6.15 -5.19
C ALA B 194 -14.93 5.31 -5.02
N PRO B 195 -15.21 4.34 -5.93
CA PRO B 195 -16.45 3.55 -5.80
C PRO B 195 -16.66 2.89 -4.45
N GLU B 196 -15.59 2.22 -3.89
CA GLU B 196 -15.67 1.52 -2.59
C GLU B 196 -15.93 2.48 -1.42
N ALA B 197 -15.48 3.74 -1.54
CA ALA B 197 -15.68 4.78 -0.55
C ALA B 197 -17.15 5.30 -0.62
N ILE B 198 -17.74 5.39 -1.82
CA ILE B 198 -19.16 5.74 -1.98
C ILE B 198 -20.00 4.54 -1.47
N ALA B 199 -19.69 3.30 -1.96
CA ALA B 199 -20.45 2.10 -1.64
C ALA B 199 -20.36 1.61 -0.18
N PHE B 200 -19.15 1.55 0.42
CA PHE B 200 -18.97 1.01 1.77
C PHE B 200 -18.31 1.93 2.81
N ARG B 201 -18.05 3.22 2.47
CA ARG B 201 -17.36 4.20 3.35
C ARG B 201 -15.94 3.69 3.74
N LYS B 202 -15.32 2.95 2.81
CA LYS B 202 -13.98 2.40 2.90
C LYS B 202 -13.03 3.47 2.34
N PHE B 203 -12.66 4.43 3.20
CA PHE B 203 -11.76 5.55 2.87
C PHE B 203 -10.37 5.17 3.25
N THR B 204 -9.47 5.09 2.26
CA THR B 204 -8.06 4.66 2.41
C THR B 204 -7.18 5.59 1.55
N SER B 205 -5.84 5.52 1.69
CA SER B 205 -4.94 6.33 0.85
C SER B 205 -5.15 5.99 -0.65
N ALA B 206 -5.60 4.74 -0.95
CA ALA B 206 -5.95 4.22 -2.28
C ALA B 206 -7.21 4.88 -2.80
N SER B 207 -8.12 5.29 -1.89
CA SER B 207 -9.32 6.01 -2.30
C SER B 207 -8.96 7.49 -2.53
N ASP B 208 -7.87 7.99 -1.90
CA ASP B 208 -7.39 9.36 -2.13
C ASP B 208 -6.66 9.44 -3.47
N VAL B 209 -6.05 8.32 -3.89
CA VAL B 209 -5.35 8.17 -5.18
C VAL B 209 -6.39 8.34 -6.29
N TRP B 210 -7.60 7.76 -6.10
CA TRP B 210 -8.71 7.89 -7.06
C TRP B 210 -9.02 9.36 -7.20
N SER B 211 -9.22 10.06 -6.05
CA SER B 211 -9.47 11.48 -5.98
C SER B 211 -8.37 12.27 -6.69
N TYR B 212 -7.13 11.87 -6.48
CA TYR B 212 -5.96 12.47 -7.10
C TYR B 212 -6.03 12.41 -8.63
N GLY B 213 -6.44 11.26 -9.17
CA GLY B 213 -6.62 11.08 -10.60
C GLY B 213 -7.65 12.05 -11.16
N ILE B 214 -8.71 12.32 -10.38
CA ILE B 214 -9.74 13.31 -10.74
C ILE B 214 -9.11 14.72 -10.70
N VAL B 215 -8.22 14.97 -9.72
CA VAL B 215 -7.50 16.25 -9.58
C VAL B 215 -6.68 16.44 -10.85
N MET B 216 -5.95 15.40 -11.30
CA MET B 216 -5.17 15.41 -12.54
C MET B 216 -5.99 15.89 -13.73
N TRP B 217 -7.18 15.28 -13.92
CA TRP B 217 -8.10 15.61 -15.00
C TRP B 217 -8.57 17.05 -14.90
N GLU B 218 -8.88 17.53 -13.66
CA GLU B 218 -9.32 18.92 -13.42
C GLU B 218 -8.24 19.91 -13.83
N VAL B 219 -6.95 19.60 -13.56
CA VAL B 219 -5.82 20.47 -13.84
C VAL B 219 -5.56 20.56 -15.36
N MET B 220 -5.48 19.39 -16.00
CA MET B 220 -5.20 19.26 -17.41
C MET B 220 -6.33 19.82 -18.29
N SER B 221 -7.51 19.94 -17.73
CA SER B 221 -8.68 20.49 -18.43
C SER B 221 -8.95 21.96 -18.03
N PHE B 222 -8.03 22.58 -17.25
CA PHE B 222 -8.14 23.98 -16.79
C PHE B 222 -9.34 24.24 -15.87
N GLY B 223 -9.57 23.34 -14.92
CA GLY B 223 -10.67 23.50 -13.98
C GLY B 223 -12.04 23.13 -14.52
N GLU B 224 -12.12 22.25 -15.52
CA GLU B 224 -13.43 21.78 -15.97
C GLU B 224 -13.96 20.85 -14.85
N ARG B 225 -15.28 20.82 -14.70
CA ARG B 225 -16.01 20.02 -13.73
C ARG B 225 -15.88 18.54 -14.13
N PRO B 226 -15.43 17.66 -13.21
CA PRO B 226 -15.35 16.23 -13.55
C PRO B 226 -16.70 15.73 -14.02
N TYR B 227 -16.73 15.01 -15.17
CA TYR B 227 -17.96 14.46 -15.76
C TYR B 227 -18.97 15.54 -16.20
N TRP B 228 -18.50 16.77 -16.42
CA TRP B 228 -19.31 17.87 -16.93
C TRP B 228 -20.61 18.07 -16.13
N ASP B 229 -21.76 18.29 -16.79
CA ASP B 229 -23.03 18.49 -16.08
C ASP B 229 -23.86 17.22 -15.87
N MET B 230 -23.19 16.05 -15.88
CA MET B 230 -23.79 14.75 -15.54
C MET B 230 -24.26 14.86 -14.10
N SER B 231 -25.40 14.23 -13.76
CA SER B 231 -25.86 14.19 -12.38
C SER B 231 -25.00 13.15 -11.62
N ASN B 232 -24.98 13.22 -10.26
CA ASN B 232 -24.23 12.26 -9.41
C ASN B 232 -24.62 10.81 -9.71
N GLN B 233 -25.90 10.54 -9.93
CA GLN B 233 -26.37 9.20 -10.32
C GLN B 233 -25.79 8.78 -11.70
N ASP B 234 -25.69 9.75 -12.67
CA ASP B 234 -25.09 9.51 -14.00
C ASP B 234 -23.61 9.15 -13.83
N VAL B 235 -22.90 9.83 -12.92
CA VAL B 235 -21.48 9.57 -12.63
C VAL B 235 -21.34 8.14 -12.11
N ILE B 236 -22.13 7.77 -11.08
CA ILE B 236 -22.13 6.42 -10.48
C ILE B 236 -22.42 5.38 -11.54
N ASN B 237 -23.43 5.66 -12.37
CA ASN B 237 -23.81 4.76 -13.47
C ASN B 237 -22.66 4.63 -14.48
N ALA B 238 -21.96 5.75 -14.81
CA ALA B 238 -20.82 5.74 -15.75
C ALA B 238 -19.67 4.87 -15.23
N ILE B 239 -19.32 4.99 -13.92
CA ILE B 239 -18.26 4.20 -13.29
C ILE B 239 -18.59 2.70 -13.31
N GLU B 240 -19.87 2.37 -13.09
CA GLU B 240 -20.36 1.00 -13.11
C GLU B 240 -20.27 0.37 -14.53
N GLN B 241 -20.31 1.22 -15.57
CA GLN B 241 -20.17 0.83 -16.98
C GLN B 241 -18.68 0.72 -17.33
N ASP B 242 -17.78 1.01 -16.36
CA ASP B 242 -16.31 1.00 -16.54
C ASP B 242 -15.86 2.17 -17.42
N TYR B 243 -16.69 3.21 -17.50
CA TYR B 243 -16.37 4.42 -18.27
C TYR B 243 -15.38 5.18 -17.40
N ARG B 244 -14.43 5.85 -18.06
CA ARG B 244 -13.42 6.66 -17.40
C ARG B 244 -13.24 7.94 -18.18
N LEU B 245 -12.97 9.05 -17.46
CA LEU B 245 -12.77 10.35 -18.08
C LEU B 245 -11.74 10.33 -19.21
N PRO B 246 -12.07 10.93 -20.38
CA PRO B 246 -11.14 10.90 -21.51
C PRO B 246 -9.95 11.87 -21.32
N PRO B 247 -8.88 11.79 -22.15
CA PRO B 247 -7.78 12.78 -22.01
C PRO B 247 -8.29 14.20 -22.33
N PRO B 248 -8.07 15.21 -21.43
CA PRO B 248 -8.54 16.55 -21.76
C PRO B 248 -7.86 17.06 -23.03
N PRO B 249 -8.38 18.10 -23.74
CA PRO B 249 -7.69 18.58 -24.95
C PRO B 249 -6.22 18.90 -24.64
N ASP B 250 -5.31 18.49 -25.54
CA ASP B 250 -3.85 18.71 -25.45
C ASP B 250 -3.17 17.96 -24.31
N CYS B 251 -3.88 17.04 -23.65
CA CYS B 251 -3.27 16.32 -22.56
C CYS B 251 -2.36 15.23 -23.06
N PRO B 252 -1.09 15.21 -22.57
CA PRO B 252 -0.20 14.10 -22.95
C PRO B 252 -0.81 12.74 -22.61
N THR B 253 -0.64 11.77 -23.50
CA THR B 253 -1.15 10.41 -23.33
C THR B 253 -0.66 9.76 -22.02
N SER B 254 0.64 9.94 -21.68
CA SER B 254 1.23 9.39 -20.45
C SER B 254 0.59 9.93 -19.17
N LEU B 255 0.09 11.20 -19.20
CA LEU B 255 -0.60 11.79 -18.04
C LEU B 255 -2.00 11.19 -17.94
N HIS B 256 -2.68 10.97 -19.09
CA HIS B 256 -4.02 10.36 -19.06
C HIS B 256 -3.93 8.89 -18.63
N GLN B 257 -2.86 8.20 -19.03
CA GLN B 257 -2.63 6.82 -18.63
C GLN B 257 -2.51 6.71 -17.11
N LEU B 258 -1.76 7.65 -16.49
CA LEU B 258 -1.57 7.75 -15.05
C LEU B 258 -2.88 7.99 -14.34
N MET B 259 -3.81 8.77 -14.95
CA MET B 259 -5.17 9.01 -14.44
C MET B 259 -5.92 7.66 -14.39
N LEU B 260 -5.89 6.91 -15.48
CA LEU B 260 -6.51 5.59 -15.60
C LEU B 260 -5.97 4.63 -14.54
N ASP B 261 -4.64 4.70 -14.25
CA ASP B 261 -4.00 3.89 -13.21
C ASP B 261 -4.64 4.21 -11.83
N CYS B 262 -4.85 5.51 -11.56
CA CYS B 262 -5.52 6.07 -10.38
C CYS B 262 -6.98 5.61 -10.25
N TRP B 263 -7.65 5.42 -11.40
CA TRP B 263 -9.04 4.99 -11.49
C TRP B 263 -9.34 3.50 -11.66
N GLN B 264 -8.42 2.62 -11.22
CA GLN B 264 -8.70 1.17 -11.27
C GLN B 264 -9.82 0.87 -10.27
N LYS B 265 -10.84 0.10 -10.70
CA LYS B 265 -11.98 -0.29 -9.86
C LYS B 265 -11.48 -0.98 -8.58
N ASP B 266 -10.49 -1.85 -8.72
CA ASP B 266 -9.86 -2.52 -7.61
C ASP B 266 -8.83 -1.55 -7.01
N ARG B 267 -9.10 -1.04 -5.79
CA ARG B 267 -8.24 -0.10 -5.05
C ARG B 267 -6.82 -0.61 -4.89
N ASN B 268 -6.65 -1.94 -4.84
CA ASN B 268 -5.35 -2.62 -4.71
C ASN B 268 -4.55 -2.59 -5.99
N ALA B 269 -5.21 -2.29 -7.14
CA ALA B 269 -4.57 -2.21 -8.47
C ALA B 269 -4.03 -0.80 -8.78
N ARG B 270 -4.41 0.18 -7.97
CA ARG B 270 -4.03 1.57 -8.12
C ARG B 270 -2.56 1.81 -7.68
N PRO B 271 -1.81 2.79 -8.28
CA PRO B 271 -0.47 3.09 -7.76
C PRO B 271 -0.60 3.75 -6.38
N ARG B 272 0.49 3.74 -5.61
CA ARG B 272 0.52 4.38 -4.29
C ARG B 272 1.09 5.77 -4.52
N PHE B 273 0.95 6.70 -3.57
CA PHE B 273 1.47 8.09 -3.78
C PHE B 273 2.96 8.21 -4.14
N PRO B 274 3.89 7.41 -3.54
CA PRO B 274 5.30 7.49 -3.98
C PRO B 274 5.50 7.08 -5.44
N GLN B 275 4.65 6.17 -5.97
CA GLN B 275 4.74 5.69 -7.35
C GLN B 275 4.27 6.76 -8.31
N ILE B 276 3.24 7.53 -7.92
CA ILE B 276 2.68 8.65 -8.68
C ILE B 276 3.75 9.75 -8.80
N VAL B 277 4.42 10.08 -7.69
CA VAL B 277 5.49 11.10 -7.66
C VAL B 277 6.62 10.71 -8.60
N SER B 278 7.08 9.42 -8.53
CA SER B 278 8.11 8.86 -9.41
C SER B 278 7.72 8.98 -10.89
N ALA B 279 6.46 8.65 -11.27
CA ALA B 279 5.98 8.76 -12.66
C ALA B 279 6.05 10.20 -13.15
N LEU B 280 5.66 11.17 -12.32
CA LEU B 280 5.68 12.60 -12.67
C LEU B 280 7.10 13.09 -12.78
N ASP B 281 7.96 12.70 -11.84
CA ASP B 281 9.41 13.02 -11.91
C ASP B 281 10.07 12.52 -13.19
N LYS B 282 9.65 11.34 -13.70
CA LYS B 282 10.18 10.78 -14.94
C LYS B 282 9.75 11.65 -16.13
N MET B 283 8.48 12.08 -16.13
CA MET B 283 7.93 12.96 -17.16
C MET B 283 8.68 14.30 -17.17
N ILE B 284 9.02 14.82 -15.97
CA ILE B 284 9.78 16.06 -15.76
C ILE B 284 11.24 15.89 -16.27
N ARG B 285 11.86 14.71 -16.07
CA ARG B 285 13.22 14.42 -16.56
C ARG B 285 13.27 14.25 -18.08
N ASN B 286 12.14 13.84 -18.68
CA ASN B 286 12.00 13.56 -20.12
C ASN B 286 10.82 14.34 -20.70
N PRO B 287 10.90 15.70 -20.81
CA PRO B 287 9.73 16.46 -21.32
C PRO B 287 9.22 16.12 -22.73
N ALA B 288 10.08 15.54 -23.61
CA ALA B 288 9.74 15.13 -24.97
C ALA B 288 8.63 14.06 -25.01
N SER B 289 8.54 13.26 -23.92
CA SER B 289 7.54 12.21 -23.74
C SER B 289 6.14 12.80 -23.55
N LEU B 290 6.05 14.08 -23.12
CA LEU B 290 4.82 14.83 -22.88
C LEU B 290 4.23 15.41 -24.15
N LYS B 291 4.98 15.36 -25.26
CA LYS B 291 4.57 15.87 -26.58
C LYS B 291 3.62 14.86 -27.27
N ILE B 292 3.67 13.57 -26.85
CA ILE B 292 2.79 12.51 -27.34
C ILE B 292 1.39 12.75 -26.73
N VAL B 293 0.42 13.12 -27.59
CA VAL B 293 -0.96 13.45 -27.25
C VAL B 293 -1.87 12.57 -28.15
N ALA B 294 -3.14 12.31 -27.73
CA ALA B 294 -4.10 11.51 -28.51
C ALA B 294 -4.94 12.39 -29.43
O4 STU C . 9.88 -31.21 5.49
C25 STU C . 10.24 -31.28 4.10
C24 STU C . 10.90 -30.06 3.49
C23 STU C . 11.09 -28.94 4.52
C22 STU C . 9.74 -28.67 5.23
C21 STU C . 9.32 -30.01 6.05
C26 STU C . 9.93 -30.03 7.44
N2 STU C . 7.82 -30.22 6.00
C18 STU C . 7.17 -30.86 4.90
C19 STU C . 7.72 -31.47 3.74
C6 STU C . 6.87 -31.99 2.75
C7 STU C . 5.49 -31.84 2.95
C10 STU C . 4.93 -31.23 4.06
C11 STU C . 5.78 -30.74 5.07
C12 STU C . 5.56 -29.93 6.28
C17 STU C . 6.82 -29.62 6.81
C16 STU C . 6.95 -28.84 7.96
C15 STU C . 5.79 -28.49 8.65
C14 STU C . 4.55 -28.77 8.12
C13 STU C . 4.42 -29.54 6.99
C9 STU C . 3.44 -31.16 3.93
N1 STU C . 3.20 -31.92 2.66
C8 STU C . 4.40 -32.33 2.09
O5 STU C . 4.49 -33.01 1.07
C5 STU C . 7.72 -32.49 1.67
C20 STU C . 9.05 -32.34 2.10
C1 STU C . 10.13 -32.80 1.36
C2 STU C . 9.86 -33.48 0.18
C3 STU C . 8.56 -33.71 -0.23
C4 STU C . 7.48 -33.21 0.50
N3 STU C . 9.04 -31.68 3.34
O6 STU C . 8.79 -28.34 4.23
C27 STU C . 7.90 -27.28 4.57
N4 STU C . 11.68 -27.65 4.05
C28 STU C . 13.05 -27.78 3.51
O4 STU D . -12.24 28.93 1.31
C25 STU D . -11.73 29.45 0.10
C24 STU D . -11.87 28.51 -1.08
C23 STU D . -12.57 27.20 -0.72
C22 STU D . -11.83 26.58 0.53
C21 STU D . -12.00 27.60 1.75
C26 STU D . -13.25 27.38 2.58
N2 STU D . -10.73 27.62 2.55
C18 STU D . -9.65 28.51 2.32
C19 STU D . -9.49 29.52 1.33
C6 STU D . -8.26 30.23 1.24
C7 STU D . -7.27 29.91 2.18
C10 STU D . -7.42 28.95 3.18
C11 STU D . -8.61 28.19 3.22
C12 STU D . -9.05 27.01 4.00
C17 STU D . -10.36 26.72 3.59
C16 STU D . -11.09 25.69 4.19
C15 STU D . -10.49 24.95 5.20
C14 STU D . -9.20 25.22 5.61
C13 STU D . -8.52 26.30 5.08
C9 STU D . -6.13 28.73 3.91
N1 STU D . -5.24 29.77 3.33
C8 STU D . -5.90 30.46 2.29
O5 STU D . -5.40 31.39 1.68
C5 STU D . -8.39 31.13 0.10
C20 STU D . -9.70 30.96 -0.40
C1 STU D . -10.15 31.68 -1.50
C2 STU D . -9.33 32.69 -2.01
C3 STU D . -8.07 32.92 -1.47
C4 STU D . -7.56 32.07 -0.50
N3 STU D . -10.34 29.96 0.34
O6 STU D . -10.45 26.42 0.19
C27 STU D . -9.86 25.18 0.56
N4 STU D . -12.63 26.15 -1.79
C28 STU D . -13.68 25.14 -1.64
#